data_3WN2
#
_entry.id   3WN2
#
_cell.length_a   97.437
_cell.length_b   97.437
_cell.length_c   103.242
_cell.angle_alpha   90.00
_cell.angle_beta   90.00
_cell.angle_gamma   90.00
#
_symmetry.space_group_name_H-M   'P 41 21 2'
#
loop_
_entity.id
_entity.type
_entity.pdbx_description
1 polymer 'Extracellular exo-alpha-L-arabinofuranosidase'
2 branched beta-D-xylopyranose-(1-4)-beta-D-xylopyranose-(1-4)-beta-D-xylopyranose-(1-4)-beta-D-xylopyranose-(1-4)-beta-D-xylopyranose
3 non-polymer 'CALCIUM ION'
4 non-polymer 'CHLORIDE ION'
5 non-polymer 2-AMINO-2-HYDROXYMETHYL-PROPANE-1,3-DIOL
6 non-polymer 'CITRIC ACID'
7 water water
#
_entity_poly.entity_id   1
_entity_poly.type   'polypeptide(L)'
_entity_poly.pdbx_seq_one_letter_code
;AGSGALRGAGSNRCLDVLGGSQDDGALLQLYDCWGGTNQQWTSTDTGRLTVYGDKCLDVPGHATAPGTRVQIWSCSGGAN
QQWRVNSDGTVVGVESGLCLEAAGAGTANGTAVQLWTCNGGGNQKWTGLTGTPPTDGTCALPSTYRWSSTGVLAQPKSGW
VALKDFTTVTHNGRHLVYGSTSSGSSYGSMVFSPFTNWSDMASAGQNAMNQAAVAPTLFYFAPKNIWVLAYQWGSWPFIY
RTSSDPTDPNGWSAPQPLFTGSISGSDTGPIDQTLIADGQNMYLFFAGDNGKIYRASMPIGNFPGNFGSSYTTIMSDTKA
NLFEGVQVYKVQGQNQYLMIVEAMGANGRYFRSFTASSLSGSWTPQAASEGNPFAGKANSGATWTNDISHGDLVRDNPDQ
TMTVDPCNLQFLYQGKSPNAGGDYNSLPWRPGVLTLRR
;
_entity_poly.pdbx_strand_id   A
#
loop_
_chem_comp.id
_chem_comp.type
_chem_comp.name
_chem_comp.formula
CA non-polymer 'CALCIUM ION' 'Ca 2'
CIT non-polymer 'CITRIC ACID' 'C6 H8 O7'
CL non-polymer 'CHLORIDE ION' 'Cl -1'
TRS non-polymer 2-AMINO-2-HYDROXYMETHYL-PROPANE-1,3-DIOL 'C4 H12 N O3 1'
XYP D-saccharide, beta linking beta-D-xylopyranose 'C5 H10 O5'
#
# COMPACT_ATOMS: atom_id res chain seq x y z
N GLY A 137 -16.62 11.06 -19.92
CA GLY A 137 -16.70 9.84 -19.04
C GLY A 137 -15.62 9.78 -17.97
N THR A 138 -14.97 10.91 -17.71
CA THR A 138 -13.95 11.00 -16.66
C THR A 138 -14.49 11.68 -15.41
N CYS A 139 -13.95 11.30 -14.26
CA CYS A 139 -14.34 11.87 -12.98
C CYS A 139 -13.15 12.56 -12.34
N ALA A 140 -13.43 13.50 -11.44
CA ALA A 140 -12.38 14.13 -10.64
C ALA A 140 -12.40 13.52 -9.24
N LEU A 141 -11.28 13.64 -8.52
CA LEU A 141 -11.24 13.31 -7.11
C LEU A 141 -12.08 14.34 -6.35
N PRO A 142 -12.87 13.90 -5.35
CA PRO A 142 -13.62 14.87 -4.55
C PRO A 142 -12.68 15.63 -3.62
N SER A 143 -13.13 16.79 -3.15
CA SER A 143 -12.39 17.54 -2.15
C SER A 143 -12.67 16.97 -0.76
N THR A 144 -13.90 16.49 -0.59
CA THR A 144 -14.32 15.82 0.64
C THR A 144 -14.70 14.36 0.30
N TYR A 145 -14.12 13.42 1.03
CA TYR A 145 -14.36 12.01 0.77
C TYR A 145 -15.42 11.43 1.69
N ARG A 146 -16.34 10.66 1.12
CA ARG A 146 -17.31 9.86 1.89
C ARG A 146 -17.30 8.44 1.36
N TRP A 147 -17.11 7.48 2.26
CA TRP A 147 -17.07 6.08 1.88
C TRP A 147 -18.18 5.26 2.54
N SER A 148 -18.47 4.10 1.97
CA SER A 148 -19.15 3.05 2.71
C SER A 148 -18.13 1.92 2.86
N SER A 149 -18.31 1.07 3.85
CA SER A 149 -17.34 0.02 4.16
C SER A 149 -17.96 -1.36 4.25
N THR A 150 -17.19 -2.39 3.91
CA THR A 150 -17.55 -3.77 4.22
C THR A 150 -17.32 -4.00 5.71
N GLY A 151 -17.78 -5.13 6.22
CA GLY A 151 -17.34 -5.64 7.52
C GLY A 151 -15.96 -6.27 7.33
N VAL A 152 -15.50 -7.02 8.33
CA VAL A 152 -14.25 -7.77 8.21
C VAL A 152 -14.39 -8.78 7.09
N LEU A 153 -13.42 -8.79 6.18
CA LEU A 153 -13.51 -9.62 4.97
C LEU A 153 -12.90 -11.02 5.07
N ALA A 154 -12.00 -11.23 6.04
CA ALA A 154 -11.37 -12.55 6.22
C ALA A 154 -10.74 -12.66 7.60
N GLN A 155 -10.64 -13.89 8.10
CA GLN A 155 -9.90 -14.18 9.33
C GLN A 155 -8.57 -14.85 8.98
N PRO A 156 -7.49 -14.51 9.71
CA PRO A 156 -6.20 -15.12 9.39
C PRO A 156 -6.24 -16.62 9.65
N LYS A 157 -5.60 -17.40 8.78
CA LYS A 157 -5.56 -18.83 9.02
C LYS A 157 -4.76 -19.19 10.28
N SER A 158 -4.93 -20.42 10.74
CA SER A 158 -4.31 -20.90 11.96
C SER A 158 -2.81 -20.60 11.98
N GLY A 159 -2.35 -19.92 13.03
CA GLY A 159 -0.93 -19.59 13.16
C GLY A 159 -0.64 -18.12 12.97
N TRP A 160 -1.58 -17.40 12.36
CA TRP A 160 -1.46 -15.93 12.25
C TRP A 160 -2.49 -15.24 13.10
N VAL A 161 -2.13 -14.09 13.68
CA VAL A 161 -3.08 -13.24 14.39
C VAL A 161 -3.48 -12.02 13.58
N ALA A 162 -2.82 -11.78 12.45
CA ALA A 162 -3.14 -10.60 11.63
C ALA A 162 -2.90 -10.83 10.15
N LEU A 163 -3.71 -10.15 9.34
CA LEU A 163 -3.47 -9.99 7.90
C LEU A 163 -3.34 -8.49 7.68
N LYS A 164 -2.33 -8.07 6.92
CA LYS A 164 -1.87 -6.67 6.96
C LYS A 164 -1.29 -6.15 5.63
N ASP A 165 -1.21 -4.81 5.52
CA ASP A 165 -0.33 -4.16 4.53
C ASP A 165 -0.63 -4.58 3.10
N PHE A 166 -1.91 -4.59 2.74
CA PHE A 166 -2.33 -5.21 1.50
C PHE A 166 -1.84 -4.48 0.27
N THR A 167 -1.58 -5.25 -0.78
CA THR A 167 -1.35 -4.72 -2.12
C THR A 167 -2.21 -5.56 -3.04
N THR A 168 -2.96 -4.92 -3.93
CA THR A 168 -3.91 -5.65 -4.78
C THR A 168 -4.01 -5.16 -6.22
N VAL A 169 -4.09 -6.13 -7.13
CA VAL A 169 -4.45 -5.86 -8.52
C VAL A 169 -5.58 -6.79 -8.95
N THR A 170 -6.19 -6.46 -10.08
CA THR A 170 -7.05 -7.41 -10.75
C THR A 170 -6.23 -8.19 -11.77
N HIS A 171 -6.33 -9.51 -11.68
CA HIS A 171 -5.57 -10.40 -12.54
C HIS A 171 -6.53 -11.47 -13.06
N ASN A 172 -6.67 -11.53 -14.39
CA ASN A 172 -7.61 -12.43 -15.06
C ASN A 172 -9.03 -12.34 -14.48
N GLY A 173 -9.51 -11.13 -14.30
CA GLY A 173 -10.85 -10.88 -13.77
C GLY A 173 -11.04 -11.14 -12.29
N ARG A 174 -9.97 -11.51 -11.58
CA ARG A 174 -10.08 -11.81 -10.16
C ARG A 174 -9.21 -10.89 -9.31
N HIS A 175 -9.63 -10.69 -8.06
CA HIS A 175 -8.80 -9.96 -7.10
C HIS A 175 -7.57 -10.78 -6.73
N LEU A 176 -6.41 -10.16 -6.88
CA LEU A 176 -5.15 -10.76 -6.47
C LEU A 176 -4.57 -9.87 -5.37
N VAL A 177 -4.42 -10.46 -4.18
CA VAL A 177 -4.07 -9.74 -2.97
C VAL A 177 -2.87 -10.38 -2.28
N TYR A 178 -1.79 -9.62 -2.13
CA TYR A 178 -0.70 -9.98 -1.24
C TYR A 178 -0.80 -9.18 0.05
N GLY A 179 -0.28 -9.72 1.15
CA GLY A 179 -0.20 -8.98 2.39
C GLY A 179 0.89 -9.49 3.33
N SER A 180 1.20 -8.70 4.35
CA SER A 180 2.02 -9.17 5.47
C SER A 180 1.17 -10.08 6.33
N THR A 181 1.82 -10.95 7.09
CA THR A 181 1.16 -11.73 8.12
C THR A 181 1.89 -11.46 9.42
N SER A 182 1.20 -11.64 10.54
CA SER A 182 1.86 -11.65 11.82
C SER A 182 1.44 -12.87 12.62
N SER A 183 2.41 -13.56 13.19
CA SER A 183 2.17 -14.59 14.20
C SER A 183 2.18 -13.95 15.58
N GLY A 184 2.49 -12.66 15.63
CA GLY A 184 2.66 -11.93 16.88
C GLY A 184 4.12 -11.80 17.29
N SER A 185 4.93 -12.78 16.90
CA SER A 185 6.37 -12.78 17.17
C SER A 185 7.12 -12.15 16.00
N SER A 186 6.74 -12.55 14.79
CA SER A 186 7.40 -12.07 13.57
C SER A 186 6.39 -11.84 12.44
N TYR A 187 6.80 -11.02 11.47
CA TYR A 187 6.01 -10.82 10.27
C TYR A 187 6.45 -11.73 9.15
N GLY A 188 5.49 -12.20 8.37
CA GLY A 188 5.77 -12.94 7.16
C GLY A 188 4.91 -12.35 6.05
N SER A 189 4.69 -13.12 4.99
CA SER A 189 3.80 -12.66 3.94
C SER A 189 3.03 -13.82 3.32
N MET A 190 2.04 -13.48 2.52
CA MET A 190 1.12 -14.45 1.94
C MET A 190 0.44 -13.85 0.73
N VAL A 191 -0.18 -14.71 -0.07
CA VAL A 191 -1.08 -14.29 -1.12
C VAL A 191 -2.40 -15.06 -0.92
N PHE A 192 -3.53 -14.40 -1.17
CA PHE A 192 -4.82 -15.08 -1.18
C PHE A 192 -4.99 -15.77 -2.52
N SER A 193 -5.67 -16.90 -2.54
CA SER A 193 -6.11 -17.51 -3.80
C SER A 193 -7.03 -16.52 -4.50
N PRO A 194 -6.91 -16.38 -5.85
CA PRO A 194 -7.72 -15.38 -6.57
C PRO A 194 -9.22 -15.58 -6.35
N PHE A 195 -9.94 -14.48 -6.18
CA PHE A 195 -11.38 -14.55 -5.93
C PHE A 195 -12.02 -13.39 -6.68
N THR A 196 -13.24 -13.61 -7.15
CA THR A 196 -13.91 -12.62 -8.00
C THR A 196 -14.57 -11.50 -7.21
N ASN A 197 -15.22 -11.83 -6.09
CA ASN A 197 -15.94 -10.84 -5.28
C ASN A 197 -15.31 -10.69 -3.91
N TRP A 198 -15.23 -9.46 -3.42
CA TRP A 198 -14.73 -9.22 -2.07
C TRP A 198 -15.50 -10.01 -1.01
N SER A 199 -16.79 -10.24 -1.26
CA SER A 199 -17.62 -11.03 -0.33
C SER A 199 -17.19 -12.49 -0.26
N ASP A 200 -16.36 -12.93 -1.20
CA ASP A 200 -15.79 -14.28 -1.16
C ASP A 200 -14.35 -14.33 -0.66
N MET A 201 -13.79 -13.19 -0.26
CA MET A 201 -12.44 -13.17 0.32
C MET A 201 -12.35 -14.08 1.55
N ALA A 202 -13.43 -14.16 2.32
CA ALA A 202 -13.48 -14.99 3.54
C ALA A 202 -13.17 -16.47 3.29
N SER A 203 -13.51 -16.98 2.10
CA SER A 203 -13.30 -18.39 1.79
C SER A 203 -12.06 -18.66 0.93
N ALA A 204 -11.36 -17.62 0.50
CA ALA A 204 -10.17 -17.77 -0.34
C ALA A 204 -9.03 -18.44 0.42
N GLY A 205 -8.34 -19.38 -0.24
CA GLY A 205 -7.14 -19.99 0.33
C GLY A 205 -6.14 -18.91 0.73
N GLN A 206 -5.42 -19.14 1.81
CA GLN A 206 -4.39 -18.22 2.29
C GLN A 206 -3.05 -18.92 2.17
N ASN A 207 -2.24 -18.47 1.22
CA ASN A 207 -1.03 -19.18 0.82
C ASN A 207 0.24 -18.47 1.29
N ALA A 208 0.85 -19.00 2.35
CA ALA A 208 2.08 -18.43 2.93
C ALA A 208 3.22 -18.41 1.92
N MET A 209 4.02 -17.34 1.95
CA MET A 209 5.25 -17.32 1.19
C MET A 209 6.35 -17.93 2.04
N ASN A 210 7.17 -18.81 1.44
CA ASN A 210 8.26 -19.46 2.19
C ASN A 210 9.39 -18.51 2.57
N GLN A 211 9.52 -17.41 1.83
CA GLN A 211 10.45 -16.34 2.19
C GLN A 211 9.66 -15.04 2.37
N ALA A 212 9.76 -14.45 3.56
CA ALA A 212 8.95 -13.28 3.92
C ALA A 212 9.15 -12.05 3.01
N ALA A 213 8.03 -11.50 2.54
CA ALA A 213 8.04 -10.25 1.79
C ALA A 213 7.17 -9.24 2.52
N VAL A 214 7.72 -8.66 3.58
CA VAL A 214 6.96 -7.77 4.46
C VAL A 214 6.59 -6.45 3.79
N ALA A 215 5.33 -6.04 3.98
CA ALA A 215 4.77 -4.82 3.40
C ALA A 215 5.02 -4.77 1.86
N PRO A 216 4.41 -5.72 1.12
CA PRO A 216 4.73 -5.88 -0.30
C PRO A 216 4.05 -4.88 -1.24
N THR A 217 4.69 -4.68 -2.40
CA THR A 217 4.09 -3.95 -3.51
C THR A 217 4.11 -4.88 -4.72
N LEU A 218 2.93 -5.13 -5.27
CA LEU A 218 2.76 -6.00 -6.44
C LEU A 218 2.31 -5.20 -7.66
N PHE A 219 2.99 -5.42 -8.78
CA PHE A 219 2.59 -4.86 -10.05
C PHE A 219 3.19 -5.63 -11.21
N TYR A 220 2.56 -5.47 -12.37
CA TYR A 220 3.05 -6.01 -13.63
C TYR A 220 3.91 -4.93 -14.32
N PHE A 221 5.16 -5.25 -14.65
CA PHE A 221 6.03 -4.30 -15.31
C PHE A 221 5.99 -4.53 -16.83
N ALA A 222 5.13 -3.76 -17.50
CA ALA A 222 4.83 -4.01 -18.90
C ALA A 222 6.05 -3.97 -19.86
N PRO A 223 6.98 -3.01 -19.68
CA PRO A 223 8.11 -2.94 -20.62
C PRO A 223 8.97 -4.20 -20.70
N LYS A 224 8.96 -5.03 -19.66
CA LYS A 224 9.71 -6.28 -19.66
C LYS A 224 8.82 -7.51 -19.49
N ASN A 225 7.51 -7.33 -19.57
CA ASN A 225 6.57 -8.44 -19.41
C ASN A 225 6.89 -9.31 -18.20
N ILE A 226 7.00 -8.69 -17.04
CA ILE A 226 7.39 -9.42 -15.84
C ILE A 226 6.67 -8.82 -14.64
N TRP A 227 6.29 -9.68 -13.70
CA TRP A 227 5.66 -9.19 -12.47
C TRP A 227 6.75 -8.90 -11.44
N VAL A 228 6.50 -7.90 -10.61
CA VAL A 228 7.46 -7.46 -9.60
C VAL A 228 6.78 -7.46 -8.23
N LEU A 229 7.47 -8.04 -7.25
CA LEU A 229 7.06 -7.97 -5.85
C LEU A 229 8.16 -7.31 -5.05
N ALA A 230 7.92 -6.08 -4.62
CA ALA A 230 8.88 -5.33 -3.82
C ALA A 230 8.46 -5.37 -2.35
N TYR A 231 9.45 -5.26 -1.46
CA TYR A 231 9.18 -5.42 -0.02
C TYR A 231 10.33 -4.94 0.83
N GLN A 232 10.16 -5.03 2.15
CA GLN A 232 11.18 -4.59 3.10
C GLN A 232 11.75 -5.76 3.92
N TRP A 233 12.97 -5.56 4.43
CA TRP A 233 13.64 -6.46 5.38
C TRP A 233 14.22 -7.73 4.73
N GLY A 234 15.53 -7.87 4.85
CA GLY A 234 16.27 -8.98 4.28
C GLY A 234 17.69 -8.49 4.10
N SER A 235 18.35 -8.89 3.01
CA SER A 235 19.73 -8.48 2.75
C SER A 235 19.90 -6.97 2.52
N TRP A 236 18.83 -6.29 2.12
CA TRP A 236 18.85 -4.82 1.89
C TRP A 236 17.60 -4.19 2.51
N PRO A 237 17.63 -2.86 2.78
CA PRO A 237 16.45 -2.16 3.30
C PRO A 237 15.18 -2.42 2.46
N PHE A 238 15.26 -2.25 1.13
CA PHE A 238 14.16 -2.69 0.26
C PHE A 238 14.68 -3.67 -0.77
N ILE A 239 13.78 -4.58 -1.16
CA ILE A 239 14.13 -5.74 -1.97
C ILE A 239 13.02 -5.95 -2.99
N TYR A 240 13.33 -6.61 -4.10
CA TYR A 240 12.29 -7.08 -5.00
C TYR A 240 12.60 -8.46 -5.55
N ARG A 241 11.54 -9.13 -6.01
CA ARG A 241 11.64 -10.39 -6.72
C ARG A 241 10.75 -10.28 -7.96
N THR A 242 10.98 -11.13 -8.94
CA THR A 242 10.20 -11.10 -10.18
C THR A 242 9.57 -12.44 -10.47
N SER A 243 8.49 -12.44 -11.27
CA SER A 243 7.79 -13.66 -11.60
C SER A 243 6.98 -13.53 -12.87
N SER A 244 6.76 -14.67 -13.53
CA SER A 244 5.84 -14.73 -14.65
C SER A 244 4.45 -15.16 -14.18
N ASP A 245 4.33 -15.61 -12.93
CA ASP A 245 3.01 -16.01 -12.40
C ASP A 245 2.79 -15.52 -10.97
N PRO A 246 2.14 -14.36 -10.83
CA PRO A 246 2.04 -13.70 -9.53
C PRO A 246 1.11 -14.40 -8.55
N THR A 247 0.35 -15.39 -8.99
CA THR A 247 -0.54 -16.15 -8.10
C THR A 247 0.23 -17.13 -7.22
N ASP A 248 1.47 -17.44 -7.60
CA ASP A 248 2.27 -18.44 -6.88
C ASP A 248 3.14 -17.77 -5.82
N PRO A 249 2.84 -18.01 -4.51
CA PRO A 249 3.59 -17.38 -3.43
C PRO A 249 5.08 -17.72 -3.44
N ASN A 250 5.43 -18.84 -4.09
CA ASN A 250 6.81 -19.32 -4.10
C ASN A 250 7.37 -19.46 -5.51
N GLY A 251 6.78 -18.78 -6.48
CA GLY A 251 7.31 -18.78 -7.84
C GLY A 251 8.20 -17.58 -8.11
N TRP A 252 8.46 -16.78 -7.08
CA TRP A 252 9.25 -15.55 -7.25
C TRP A 252 10.75 -15.85 -7.33
N SER A 253 11.46 -15.06 -8.12
CA SER A 253 12.90 -15.22 -8.33
C SER A 253 13.71 -14.91 -7.07
N ALA A 254 15.03 -15.10 -7.15
CA ALA A 254 15.96 -14.71 -6.10
C ALA A 254 15.79 -13.23 -5.78
N PRO A 255 15.90 -12.84 -4.49
CA PRO A 255 15.80 -11.43 -4.09
C PRO A 255 16.89 -10.56 -4.72
N GLN A 256 16.52 -9.35 -5.12
CA GLN A 256 17.46 -8.36 -5.66
C GLN A 256 17.36 -7.07 -4.83
N PRO A 257 18.47 -6.33 -4.70
CA PRO A 257 18.39 -5.05 -3.97
C PRO A 257 17.52 -4.02 -4.70
N LEU A 258 16.64 -3.35 -3.96
CA LEU A 258 15.86 -2.24 -4.51
C LEU A 258 16.38 -0.90 -4.01
N PHE A 259 16.81 -0.87 -2.74
CA PHE A 259 17.26 0.37 -2.11
C PHE A 259 18.19 -0.01 -0.97
N THR A 260 19.32 0.69 -0.88
CA THR A 260 20.35 0.36 0.09
C THR A 260 20.73 1.57 0.97
N GLY A 261 19.91 2.62 0.93
CA GLY A 261 20.23 3.82 1.66
C GLY A 261 19.84 3.75 3.13
N SER A 262 20.14 4.80 3.87
CA SER A 262 19.74 4.90 5.26
C SER A 262 19.28 6.31 5.58
N ILE A 263 18.38 6.42 6.55
CA ILE A 263 17.78 7.70 6.90
C ILE A 263 18.11 8.04 8.35
N SER A 264 18.05 9.33 8.71
CA SER A 264 18.35 9.74 10.07
C SER A 264 17.07 9.93 10.86
N GLY A 265 17.18 9.84 12.19
CA GLY A 265 16.05 10.10 13.08
C GLY A 265 14.87 9.15 12.90
N SER A 266 15.17 7.88 12.67
CA SER A 266 14.12 6.87 12.51
C SER A 266 14.45 5.63 13.34
N ASP A 267 13.47 5.12 14.08
CA ASP A 267 13.66 3.88 14.84
C ASP A 267 13.56 2.66 13.94
N THR A 268 12.91 2.83 12.79
CA THR A 268 12.61 1.69 11.90
C THR A 268 13.58 1.56 10.72
N GLY A 269 14.17 2.67 10.29
CA GLY A 269 14.82 2.74 8.99
C GLY A 269 13.76 2.92 7.90
N PRO A 270 14.16 2.83 6.62
CA PRO A 270 13.20 2.98 5.51
C PRO A 270 12.03 1.97 5.64
N ILE A 271 10.81 2.44 5.48
CA ILE A 271 9.64 1.58 5.71
C ILE A 271 8.56 1.86 4.67
N ASP A 272 7.80 0.80 4.33
CA ASP A 272 6.60 0.90 3.51
C ASP A 272 6.83 1.56 2.15
N GLN A 273 7.72 0.96 1.36
CA GLN A 273 7.97 1.43 0.00
C GLN A 273 6.74 1.30 -0.88
N THR A 274 6.65 2.17 -1.87
CA THR A 274 5.85 1.86 -3.03
C THR A 274 6.67 2.20 -4.26
N LEU A 275 6.23 1.71 -5.42
CA LEU A 275 6.87 1.98 -6.70
C LEU A 275 5.80 2.49 -7.66
N ILE A 276 6.17 3.42 -8.52
CA ILE A 276 5.25 3.95 -9.51
C ILE A 276 6.07 4.59 -10.62
N ALA A 277 5.68 4.31 -11.87
CA ALA A 277 6.33 4.94 -13.02
C ALA A 277 5.35 5.79 -13.77
N ASP A 278 5.82 6.89 -14.35
CA ASP A 278 5.06 7.57 -15.41
C ASP A 278 5.52 6.99 -16.75
N GLY A 279 5.49 7.78 -17.81
CA GLY A 279 5.95 7.30 -19.11
C GLY A 279 7.47 7.28 -19.23
N GLN A 280 8.16 7.94 -18.30
CA GLN A 280 9.60 8.21 -18.44
C GLN A 280 10.50 7.66 -17.33
N ASN A 281 10.04 7.78 -16.09
CA ASN A 281 10.85 7.46 -14.92
C ASN A 281 10.13 6.52 -13.97
N MET A 282 10.89 5.62 -13.34
CA MET A 282 10.38 4.81 -12.23
C MET A 282 10.73 5.49 -10.89
N TYR A 283 9.71 5.66 -10.05
CA TYR A 283 9.89 6.27 -8.75
C TYR A 283 9.71 5.28 -7.59
N LEU A 284 10.53 5.47 -6.58
CA LEU A 284 10.41 4.82 -5.30
C LEU A 284 9.98 5.88 -4.30
N PHE A 285 8.92 5.60 -3.55
CA PHE A 285 8.52 6.45 -2.42
C PHE A 285 8.54 5.60 -1.16
N PHE A 286 8.91 6.20 -0.03
CA PHE A 286 8.90 5.48 1.23
C PHE A 286 8.83 6.43 2.43
N ALA A 287 8.67 5.85 3.62
CA ALA A 287 8.51 6.63 4.84
C ALA A 287 9.56 6.18 5.85
N GLY A 288 9.49 6.71 7.07
CA GLY A 288 10.49 6.35 8.08
C GLY A 288 9.98 6.32 9.51
N ASP A 289 8.67 6.25 9.67
CA ASP A 289 8.04 6.35 10.99
C ASP A 289 8.54 7.59 11.74
N ASN A 290 8.75 8.68 11.01
CA ASN A 290 9.45 9.84 11.59
C ASN A 290 8.99 11.20 11.07
N GLY A 291 7.87 11.25 10.38
CA GLY A 291 7.35 12.52 9.87
C GLY A 291 7.87 12.92 8.49
N LYS A 292 8.69 12.06 7.89
CA LYS A 292 9.22 12.34 6.56
C LYS A 292 8.76 11.35 5.50
N ILE A 293 8.64 11.85 4.27
CA ILE A 293 8.43 11.02 3.07
C ILE A 293 9.62 11.22 2.16
N TYR A 294 10.11 10.13 1.58
CA TYR A 294 11.32 10.14 0.79
C TYR A 294 11.02 9.64 -0.63
N ARG A 295 11.83 10.07 -1.59
CA ARG A 295 11.63 9.69 -2.99
C ARG A 295 12.96 9.39 -3.65
N ALA A 296 12.97 8.42 -4.54
CA ALA A 296 14.11 8.17 -5.42
C ALA A 296 13.60 7.90 -6.83
N SER A 297 14.46 8.02 -7.84
CA SER A 297 14.03 7.80 -9.22
C SER A 297 15.13 7.24 -10.08
N MET A 298 14.73 6.54 -11.14
CA MET A 298 15.63 6.11 -12.20
C MET A 298 14.85 6.14 -13.52
N PRO A 299 15.55 6.33 -14.66
CA PRO A 299 14.91 6.13 -15.96
C PRO A 299 14.26 4.73 -16.03
N ILE A 300 13.05 4.66 -16.60
CA ILE A 300 12.30 3.38 -16.65
C ILE A 300 13.10 2.25 -17.31
N GLY A 301 13.93 2.61 -18.30
CA GLY A 301 14.79 1.63 -18.98
C GLY A 301 15.81 0.93 -18.09
N ASN A 302 16.11 1.52 -16.94
CA ASN A 302 17.02 0.90 -15.98
C ASN A 302 16.32 0.01 -14.93
N PHE A 303 15.00 -0.12 -15.04
CA PHE A 303 14.23 -0.97 -14.12
C PHE A 303 13.80 -2.26 -14.83
N PRO A 304 13.75 -3.40 -14.11
CA PRO A 304 14.04 -3.67 -12.69
C PRO A 304 15.50 -3.42 -12.35
N GLY A 305 15.74 -2.79 -11.20
CA GLY A 305 17.09 -2.49 -10.78
C GLY A 305 17.13 -1.88 -9.40
N ASN A 306 18.34 -1.56 -8.97
CA ASN A 306 18.63 -1.05 -7.66
C ASN A 306 18.63 0.48 -7.70
N PHE A 307 17.78 1.13 -6.90
CA PHE A 307 17.86 2.59 -6.75
C PHE A 307 19.15 3.05 -6.07
N GLY A 308 19.83 2.15 -5.38
CA GLY A 308 21.07 2.49 -4.68
C GLY A 308 20.80 3.16 -3.34
N SER A 309 21.69 4.03 -2.92
CA SER A 309 21.60 4.62 -1.57
C SER A 309 20.97 6.01 -1.54
N SER A 310 20.92 6.68 -2.69
CA SER A 310 20.49 8.07 -2.75
C SER A 310 18.98 8.27 -2.71
N TYR A 311 18.56 9.38 -2.12
CA TYR A 311 17.15 9.73 -2.06
C TYR A 311 16.99 11.23 -1.88
N THR A 312 15.75 11.68 -2.07
CA THR A 312 15.34 13.04 -1.82
C THR A 312 14.32 13.02 -0.67
N THR A 313 14.46 13.94 0.30
CA THR A 313 13.44 14.12 1.33
C THR A 313 12.41 15.13 0.80
N ILE A 314 11.20 14.65 0.52
CA ILE A 314 10.22 15.49 -0.19
C ILE A 314 9.15 16.13 0.72
N MET A 315 8.95 15.55 1.89
CA MET A 315 7.99 16.04 2.86
C MET A 315 8.55 15.86 4.25
N SER A 316 8.20 16.79 5.15
CA SER A 316 8.68 16.77 6.53
C SER A 316 7.61 17.39 7.43
N ASP A 317 7.15 16.62 8.40
CA ASP A 317 6.10 17.07 9.31
C ASP A 317 6.32 16.34 10.62
N THR A 318 5.38 16.45 11.56
CA THR A 318 5.49 15.67 12.79
C THR A 318 5.36 14.19 12.47
N LYS A 319 5.94 13.36 13.32
CA LYS A 319 5.84 11.91 13.23
C LYS A 319 4.38 11.45 13.05
N ALA A 320 3.47 12.03 13.83
CA ALA A 320 2.05 11.68 13.76
C ALA A 320 1.43 12.01 12.40
N ASN A 321 1.86 13.11 11.77
CA ASN A 321 1.25 13.59 10.54
C ASN A 321 1.67 12.84 9.28
N LEU A 322 2.91 12.35 9.27
CA LEU A 322 3.44 11.64 8.11
C LEU A 322 4.17 10.41 8.64
N PHE A 323 3.39 9.40 9.00
CA PHE A 323 3.96 8.28 9.74
C PHE A 323 4.51 7.16 8.85
N GLU A 324 3.64 6.50 8.08
CA GLU A 324 4.05 5.34 7.27
C GLU A 324 2.97 5.04 6.23
N GLY A 325 2.99 3.84 5.66
CA GLY A 325 1.92 3.39 4.74
C GLY A 325 1.71 4.24 3.48
N VAL A 326 2.79 4.83 2.98
CA VAL A 326 2.67 5.76 1.84
C VAL A 326 2.32 5.02 0.55
N GLN A 327 1.37 5.57 -0.20
CA GLN A 327 1.03 5.03 -1.51
C GLN A 327 0.88 6.17 -2.50
N VAL A 328 1.22 5.91 -3.76
CA VAL A 328 1.10 6.92 -4.83
C VAL A 328 0.45 6.28 -6.05
N TYR A 329 -0.45 7.03 -6.69
CA TYR A 329 -1.23 6.55 -7.84
C TYR A 329 -1.37 7.64 -8.90
N LYS A 330 -1.54 7.22 -10.15
CA LYS A 330 -2.00 8.09 -11.24
C LYS A 330 -3.53 8.12 -11.23
N VAL A 331 -4.10 9.33 -11.25
CA VAL A 331 -5.55 9.48 -11.37
C VAL A 331 -5.91 9.41 -12.84
N GLN A 332 -6.61 8.36 -13.23
CA GLN A 332 -7.01 8.17 -14.62
C GLN A 332 -7.93 9.30 -15.05
N GLY A 333 -7.65 9.85 -16.23
CA GLY A 333 -8.49 10.91 -16.81
C GLY A 333 -8.17 12.31 -16.30
N GLN A 334 -7.16 12.42 -15.45
CA GLN A 334 -6.74 13.73 -14.92
C GLN A 334 -5.23 13.84 -15.00
N ASN A 335 -4.72 15.06 -15.16
CA ASN A 335 -3.29 15.28 -15.16
C ASN A 335 -2.81 15.44 -13.72
N GLN A 336 -2.93 14.36 -12.97
CA GLN A 336 -2.85 14.42 -11.51
C GLN A 336 -2.41 13.08 -10.92
N TYR A 337 -1.59 13.17 -9.88
CA TYR A 337 -1.16 12.02 -9.10
C TYR A 337 -1.68 12.18 -7.68
N LEU A 338 -2.00 11.05 -7.06
CA LEU A 338 -2.56 11.03 -5.72
C LEU A 338 -1.59 10.32 -4.79
N MET A 339 -1.21 11.00 -3.70
CA MET A 339 -0.45 10.37 -2.63
C MET A 339 -1.32 10.27 -1.38
N ILE A 340 -1.26 9.11 -0.72
CA ILE A 340 -1.89 8.95 0.59
C ILE A 340 -0.85 8.51 1.59
N VAL A 341 -0.91 9.07 2.80
CA VAL A 341 0.05 8.71 3.86
C VAL A 341 -0.72 8.37 5.12
N GLU A 342 -0.34 7.29 5.79
CA GLU A 342 -0.95 6.92 7.06
C GLU A 342 -0.45 7.84 8.18
N ALA A 343 -1.40 8.38 8.94
CA ALA A 343 -1.09 9.23 10.09
C ALA A 343 -1.68 8.62 11.38
N MET A 344 -1.15 9.04 12.52
CA MET A 344 -1.69 8.62 13.81
C MET A 344 -2.61 9.73 14.30
N GLY A 345 -3.91 9.44 14.34
CA GLY A 345 -4.89 10.44 14.79
C GLY A 345 -5.22 10.23 16.25
N ALA A 346 -5.95 11.18 16.81
CA ALA A 346 -6.47 11.07 18.17
C ALA A 346 -7.40 9.83 18.29
N ASN A 347 -8.13 9.54 17.23
CA ASN A 347 -9.12 8.46 17.26
C ASN A 347 -8.67 7.15 16.65
N GLY A 348 -7.49 7.15 16.03
CA GLY A 348 -6.93 5.97 15.39
C GLY A 348 -6.14 6.32 14.13
N ARG A 349 -5.66 5.28 13.45
CA ARG A 349 -4.95 5.47 12.18
C ARG A 349 -5.91 6.01 11.13
N TYR A 350 -5.44 6.95 10.32
CA TYR A 350 -6.20 7.46 9.21
C TYR A 350 -5.23 7.86 8.09
N PHE A 351 -5.77 8.14 6.91
CA PHE A 351 -4.96 8.57 5.78
C PHE A 351 -5.17 10.04 5.41
N ARG A 352 -4.06 10.73 5.14
CA ARG A 352 -4.06 12.10 4.60
C ARG A 352 -3.68 12.03 3.12
N SER A 353 -4.40 12.76 2.27
CA SER A 353 -4.09 12.77 0.84
C SER A 353 -3.43 14.08 0.37
N PHE A 354 -2.65 13.96 -0.70
CA PHE A 354 -1.95 15.07 -1.35
C PHE A 354 -2.05 14.85 -2.85
N THR A 355 -1.98 15.92 -3.64
CA THR A 355 -1.96 15.76 -5.09
C THR A 355 -0.74 16.45 -5.70
N ALA A 356 -0.37 16.01 -6.91
CA ALA A 356 0.71 16.61 -7.68
C ALA A 356 0.37 16.48 -9.16
N SER A 357 0.94 17.35 -9.99
CA SER A 357 0.73 17.26 -11.43
C SER A 357 1.85 16.44 -12.08
N SER A 358 2.84 16.11 -11.28
CA SER A 358 4.02 15.40 -11.76
C SER A 358 4.63 14.60 -10.60
N LEU A 359 5.17 13.41 -10.91
CA LEU A 359 5.76 12.56 -9.86
C LEU A 359 7.01 13.15 -9.23
N SER A 360 7.67 14.06 -9.94
CA SER A 360 8.83 14.77 -9.38
C SER A 360 8.45 16.14 -8.82
N GLY A 361 7.17 16.47 -8.83
CA GLY A 361 6.70 17.79 -8.39
C GLY A 361 6.41 17.89 -6.90
N SER A 362 5.89 19.05 -6.50
CA SER A 362 5.51 19.30 -5.12
C SER A 362 4.14 18.72 -4.84
N TRP A 363 3.91 18.33 -3.59
CA TRP A 363 2.66 17.72 -3.17
C TRP A 363 1.80 18.72 -2.40
N THR A 364 0.57 18.91 -2.85
CA THR A 364 -0.34 19.84 -2.20
C THR A 364 -1.34 19.08 -1.32
N PRO A 365 -1.44 19.44 -0.02
CA PRO A 365 -2.42 18.80 0.87
C PRO A 365 -3.80 18.83 0.26
N GLN A 366 -4.51 17.70 0.29
CA GLN A 366 -5.84 17.62 -0.27
C GLN A 366 -6.86 17.39 0.87
N ALA A 367 -7.10 16.14 1.23
CA ALA A 367 -7.90 15.85 2.43
C ALA A 367 -6.90 15.35 3.48
N ALA A 368 -6.39 16.30 4.28
CA ALA A 368 -5.16 16.08 5.03
C ALA A 368 -5.25 16.41 6.53
N SER A 369 -6.43 16.26 7.12
CA SER A 369 -6.60 16.36 8.57
C SER A 369 -7.48 15.22 9.07
N GLU A 370 -7.40 14.93 10.37
CA GLU A 370 -8.22 13.85 10.94
C GLU A 370 -9.73 14.10 10.77
N GLY A 371 -10.15 15.36 10.86
CA GLY A 371 -11.56 15.74 10.69
C GLY A 371 -12.01 15.72 9.24
N ASN A 372 -11.08 15.93 8.32
CA ASN A 372 -11.39 15.83 6.89
C ASN A 372 -10.33 14.97 6.18
N PRO A 373 -10.34 13.65 6.44
CA PRO A 373 -9.26 12.78 5.97
C PRO A 373 -9.52 12.23 4.58
N PHE A 374 -8.50 11.65 3.94
CA PHE A 374 -8.75 10.82 2.76
C PHE A 374 -9.66 9.65 3.18
N ALA A 375 -9.25 8.94 4.23
CA ALA A 375 -10.06 7.87 4.81
C ALA A 375 -9.70 7.72 6.27
N GLY A 376 -10.72 7.73 7.13
CA GLY A 376 -10.51 7.59 8.56
C GLY A 376 -11.84 7.33 9.26
N LYS A 377 -11.81 7.27 10.59
CA LYS A 377 -13.04 7.10 11.36
C LYS A 377 -14.10 8.13 10.95
N ALA A 378 -13.67 9.35 10.67
CA ALA A 378 -14.58 10.44 10.31
C ALA A 378 -15.45 10.16 9.08
N ASN A 379 -14.96 9.36 8.13
CA ASN A 379 -15.68 9.21 6.85
C ASN A 379 -15.70 7.81 6.22
N SER A 380 -15.20 6.80 6.94
CA SER A 380 -15.10 5.45 6.37
C SER A 380 -16.44 4.73 6.25
N GLY A 381 -17.37 5.04 7.15
CA GLY A 381 -18.61 4.27 7.29
C GLY A 381 -18.41 2.88 7.88
N ALA A 382 -17.24 2.64 8.46
CA ALA A 382 -16.94 1.34 9.07
C ALA A 382 -17.36 1.35 10.53
N THR A 383 -18.08 0.31 10.97
CA THR A 383 -18.44 0.21 12.38
C THR A 383 -17.49 -0.70 13.13
N TRP A 384 -16.84 -1.62 12.43
CA TRP A 384 -16.02 -2.64 13.08
C TRP A 384 -14.62 -2.17 13.48
N THR A 385 -14.20 -1.02 12.94
CA THR A 385 -12.87 -0.49 13.21
C THR A 385 -12.89 1.03 13.32
N ASN A 386 -12.07 1.56 14.21
CA ASN A 386 -11.86 3.02 14.31
C ASN A 386 -10.55 3.43 13.62
N ASP A 387 -9.84 2.42 13.09
CA ASP A 387 -8.59 2.61 12.36
C ASP A 387 -8.75 2.28 10.87
N ILE A 388 -8.25 3.17 10.03
CA ILE A 388 -8.07 2.88 8.61
C ILE A 388 -6.55 2.94 8.35
N SER A 389 -5.96 1.78 8.09
CA SER A 389 -4.50 1.63 8.13
C SER A 389 -3.96 0.89 6.89
N HIS A 390 -2.63 0.88 6.76
CA HIS A 390 -1.87 0.35 5.60
C HIS A 390 -2.60 -0.61 4.65
N GLY A 391 -2.90 -0.14 3.45
CA GLY A 391 -3.47 -0.98 2.40
C GLY A 391 -3.14 -0.43 1.02
N ASP A 392 -4.09 -0.54 0.10
CA ASP A 392 -3.86 -0.18 -1.31
C ASP A 392 -5.21 0.15 -1.94
N LEU A 393 -5.27 1.23 -2.71
CA LEU A 393 -6.43 1.47 -3.55
C LEU A 393 -6.52 0.32 -4.54
N VAL A 394 -7.74 -0.02 -4.95
CA VAL A 394 -7.94 -1.15 -5.85
C VAL A 394 -7.51 -0.76 -7.27
N ARG A 395 -6.50 -1.47 -7.79
CA ARG A 395 -5.95 -1.15 -9.11
C ARG A 395 -6.44 -2.15 -10.15
N ASP A 396 -7.34 -1.70 -11.03
CA ASP A 396 -7.87 -2.58 -12.06
C ASP A 396 -6.82 -2.90 -13.13
N ASN A 397 -6.05 -1.90 -13.51
CA ASN A 397 -4.89 -2.10 -14.37
C ASN A 397 -3.69 -2.42 -13.46
N PRO A 398 -3.13 -3.63 -13.60
CA PRO A 398 -2.05 -4.08 -12.71
C PRO A 398 -0.66 -3.47 -13.00
N ASP A 399 -0.55 -2.62 -14.01
CA ASP A 399 0.79 -2.19 -14.48
C ASP A 399 1.52 -1.18 -13.56
N GLN A 400 2.76 -0.87 -13.92
CA GLN A 400 3.64 -0.04 -13.11
C GLN A 400 3.19 1.41 -12.90
N THR A 401 2.16 1.85 -13.64
CA THR A 401 1.68 3.23 -13.51
C THR A 401 0.79 3.44 -12.27
N MET A 402 0.39 2.36 -11.61
CA MET A 402 -0.45 2.44 -10.41
C MET A 402 -1.67 3.34 -10.66
N THR A 403 -2.33 3.14 -11.80
CA THR A 403 -3.46 3.97 -12.21
C THR A 403 -4.73 3.56 -11.47
N VAL A 404 -5.45 4.54 -10.91
CA VAL A 404 -6.76 4.30 -10.30
C VAL A 404 -7.84 5.11 -11.03
N ASP A 405 -9.04 4.55 -11.05
CA ASP A 405 -10.21 5.17 -11.68
C ASP A 405 -11.04 5.92 -10.62
N PRO A 406 -11.02 7.27 -10.66
CA PRO A 406 -11.77 8.10 -9.70
C PRO A 406 -13.29 7.93 -9.79
N CYS A 407 -13.80 7.31 -10.86
CA CYS A 407 -15.22 7.01 -10.99
C CYS A 407 -15.65 5.79 -10.18
N ASN A 408 -14.69 4.90 -9.87
CA ASN A 408 -14.97 3.68 -9.12
CA ASN A 408 -14.97 3.69 -9.11
C ASN A 408 -13.90 3.42 -8.05
N LEU A 409 -13.59 4.44 -7.26
CA LEU A 409 -12.52 4.32 -6.25
C LEU A 409 -12.89 3.38 -5.11
N GLN A 410 -12.02 2.40 -4.87
CA GLN A 410 -12.13 1.50 -3.71
C GLN A 410 -10.79 1.37 -3.00
N PHE A 411 -10.85 1.17 -1.68
CA PHE A 411 -9.66 1.12 -0.84
C PHE A 411 -9.67 -0.18 -0.01
N LEU A 412 -8.71 -1.05 -0.29
CA LEU A 412 -8.49 -2.26 0.51
C LEU A 412 -7.56 -1.88 1.66
N TYR A 413 -8.11 -1.86 2.88
CA TYR A 413 -7.36 -1.37 4.04
C TYR A 413 -7.29 -2.42 5.14
N GLN A 414 -6.44 -2.16 6.13
CA GLN A 414 -6.43 -2.97 7.36
C GLN A 414 -7.08 -2.18 8.49
N GLY A 415 -7.89 -2.88 9.28
CA GLY A 415 -8.51 -2.29 10.45
C GLY A 415 -8.44 -3.28 11.61
N LYS A 416 -8.91 -2.87 12.77
CA LYS A 416 -8.90 -3.75 13.94
C LYS A 416 -10.02 -3.38 14.89
N SER A 417 -10.44 -4.37 15.70
CA SER A 417 -11.46 -4.11 16.70
C SER A 417 -11.00 -2.96 17.60
N PRO A 418 -11.90 -1.99 17.87
CA PRO A 418 -11.57 -0.90 18.79
C PRO A 418 -11.19 -1.42 20.18
N ASN A 419 -11.61 -2.64 20.52
CA ASN A 419 -11.29 -3.19 21.84
C ASN A 419 -9.96 -3.91 21.93
N ALA A 420 -9.29 -4.07 20.79
CA ALA A 420 -8.03 -4.80 20.76
C ALA A 420 -6.88 -3.94 21.30
N GLY A 421 -6.12 -4.49 22.24
CA GLY A 421 -4.99 -3.79 22.83
C GLY A 421 -3.76 -4.66 22.87
N GLY A 422 -2.78 -4.23 23.64
CA GLY A 422 -1.52 -4.98 23.78
C GLY A 422 -0.41 -4.45 22.90
N ASP A 423 0.59 -5.30 22.69
CA ASP A 423 1.75 -4.95 21.88
C ASP A 423 1.37 -4.75 20.42
N TYR A 424 1.91 -3.71 19.79
CA TYR A 424 1.62 -3.42 18.37
C TYR A 424 1.72 -4.67 17.48
N ASN A 425 2.81 -5.42 17.61
CA ASN A 425 3.06 -6.56 16.74
C ASN A 425 2.03 -7.69 16.88
N SER A 426 1.25 -7.68 17.95
CA SER A 426 0.24 -8.72 18.17
C SER A 426 -1.19 -8.28 17.84
N LEU A 427 -1.36 -7.05 17.38
CA LEU A 427 -2.69 -6.52 17.06
C LEU A 427 -3.41 -7.34 15.98
N PRO A 428 -4.72 -7.62 16.19
CA PRO A 428 -5.49 -8.44 15.25
C PRO A 428 -6.03 -7.63 14.05
N TRP A 429 -5.12 -7.21 13.17
CA TRP A 429 -5.50 -6.51 11.95
C TRP A 429 -6.23 -7.43 10.96
N ARG A 430 -7.20 -6.86 10.25
CA ARG A 430 -8.04 -7.60 9.30
C ARG A 430 -8.32 -6.75 8.06
N PRO A 431 -8.59 -7.40 6.90
CA PRO A 431 -8.93 -6.64 5.69
C PRO A 431 -10.38 -6.13 5.66
N GLY A 432 -10.54 -4.91 5.14
CA GLY A 432 -11.83 -4.34 4.80
C GLY A 432 -11.70 -3.62 3.47
N VAL A 433 -12.83 -3.30 2.85
CA VAL A 433 -12.84 -2.52 1.61
C VAL A 433 -13.79 -1.34 1.72
N LEU A 434 -13.27 -0.13 1.46
CA LEU A 434 -14.10 1.07 1.32
C LEU A 434 -14.44 1.31 -0.14
N THR A 435 -15.67 1.76 -0.38
CA THR A 435 -16.14 2.13 -1.71
C THR A 435 -16.56 3.60 -1.65
N LEU A 436 -16.00 4.42 -2.52
CA LEU A 436 -16.31 5.86 -2.52
C LEU A 436 -17.77 6.09 -2.92
N ARG A 437 -18.50 6.86 -2.12
CA ARG A 437 -19.89 7.23 -2.45
C ARG A 437 -19.86 8.52 -3.25
N ARG A 438 -20.30 8.46 -4.50
CA ARG A 438 -20.23 9.65 -5.38
C ARG A 438 -21.52 10.45 -5.38
O1 XYP B . 1.70 3.99 20.25
C1 XYP B . 2.19 3.81 18.91
C2 XYP B . 3.68 4.06 18.83
C3 XYP B . 4.16 3.85 17.41
C4 XYP B . 3.75 2.46 16.89
C5 XYP B . 2.27 2.21 17.11
O2 XYP B . 3.99 5.41 19.17
O3 XYP B . 5.58 4.04 17.29
O4 XYP B . 4.03 2.45 15.50
O5 XYP B . 1.89 2.48 18.47
C1 XYP B . 4.47 1.17 15.05
C2 XYP B . 4.38 1.13 13.52
C3 XYP B . 5.04 -0.13 12.96
C4 XYP B . 6.42 -0.33 13.60
C5 XYP B . 6.33 -0.30 15.12
O2 XYP B . 3.00 1.15 13.09
O3 XYP B . 5.16 -0.01 11.54
O4 XYP B . 6.85 -1.62 13.20
O5 XYP B . 5.79 0.94 15.51
C1 XYP B . 8.21 -1.85 13.57
C2 XYP B . 8.24 -3.24 14.24
C3 XYP B . 9.66 -3.72 14.47
C4 XYP B . 10.46 -3.62 13.18
C5 XYP B . 10.44 -2.17 12.67
O2 XYP B . 7.52 -3.20 15.49
O3 XYP B . 9.61 -5.08 14.93
O4 XYP B . 11.81 -4.04 13.38
O5 XYP B . 9.08 -1.78 12.44
C1 XYP B . 12.28 -4.82 12.26
C2 XYP B . 13.61 -4.21 11.78
C3 XYP B . 14.17 -4.99 10.60
C4 XYP B . 14.20 -6.50 10.85
C5 XYP B . 12.87 -7.01 11.42
O2 XYP B . 13.42 -2.84 11.42
O3 XYP B . 15.49 -4.52 10.32
O4 XYP B . 14.45 -7.15 9.60
O5 XYP B . 12.44 -6.21 12.53
C1 XYP B . 15.50 -8.13 9.66
C2 XYP B . 15.31 -9.06 8.46
C3 XYP B . 16.45 -10.08 8.34
C4 XYP B . 17.80 -9.36 8.35
C5 XYP B . 17.92 -8.50 9.61
O2 XYP B . 14.04 -9.72 8.56
O3 XYP B . 16.29 -10.84 7.13
O4 XYP B . 18.87 -10.32 8.28
O5 XYP B . 16.83 -7.55 9.67
CA CA C . 2.33 -0.67 0.79
CL CL D . 14.01 11.56 -7.04
C TRS E . 4.81 -3.07 9.39
C1 TRS E . 5.07 -2.84 7.91
C2 TRS E . 6.12 -2.96 10.18
C3 TRS E . 4.25 -4.47 9.59
N TRS E . 3.86 -2.02 9.86
O1 TRS E . 5.89 -1.67 7.73
O2 TRS E . 5.85 -3.26 11.56
O3 TRS E . 2.84 -4.53 9.30
C1 CIT F . -16.39 -7.12 -6.22
O1 CIT F . -16.65 -7.56 -5.09
O2 CIT F . -15.26 -7.30 -6.69
C2 CIT F . -17.41 -6.36 -7.04
C3 CIT F . -18.31 -5.51 -6.12
O7 CIT F . -18.99 -6.39 -5.18
C4 CIT F . -19.34 -4.76 -6.97
C5 CIT F . -20.51 -5.65 -7.34
O3 CIT F . -20.36 -6.69 -8.02
O4 CIT F . -21.67 -5.33 -6.97
C6 CIT F . -17.44 -4.50 -5.35
O5 CIT F . -17.69 -4.24 -4.15
O6 CIT F . -16.46 -3.94 -5.88
C1 CIT G . -22.24 -0.94 6.10
O1 CIT G . -23.45 -0.81 6.39
O2 CIT G . -21.87 -0.82 4.91
C2 CIT G . -21.22 -1.22 7.19
C3 CIT G . -21.32 -2.62 7.84
O7 CIT G . -22.11 -2.50 9.05
C4 CIT G . -19.93 -3.20 8.20
C5 CIT G . -19.12 -2.34 9.14
O3 CIT G . -18.76 -2.76 10.26
O4 CIT G . -18.78 -1.18 8.81
C6 CIT G . -21.96 -3.67 6.93
O5 CIT G . -22.79 -4.47 7.40
O6 CIT G . -21.67 -3.76 5.72
#